data_5GPA
#
_entry.id   5GPA
#
_cell.length_a   56.393
_cell.length_b   56.393
_cell.length_c   199.607
_cell.angle_alpha   90.000
_cell.angle_beta   90.000
_cell.angle_gamma   120.000
#
_symmetry.space_group_name_H-M   'P 32 2 1'
#
loop_
_entity.id
_entity.type
_entity.pdbx_description
1 polymer 'Transcriptional regulator (TetR/AcrR family)'
2 non-polymer 'MAGNESIUM ION'
3 non-polymer GLYCEROL
4 water water
#
_entity_poly.entity_id   1
_entity_poly.type   'polypeptide(L)'
_entity_poly.pdbx_seq_one_letter_code
;MGKKKGPKYDQIIDAAVQVIAEHGYHQAQVSKIAKAAGVADGTIYLYFNNKEDVLISLFQEKMGRFVDKIRSQMNEATDV
EEKLKILVNMHFKQLAADHKLAIVTQLELRQSNTELALKINEVLKGYLNLLDELLMEGKEKGYFFQELDTRLARQMIFGT
LDEVVTNWVMKDCKYDLTALVKPVHQLLLGGLRHR
;
_entity_poly.pdbx_strand_id   A,B
#
loop_
_chem_comp.id
_chem_comp.type
_chem_comp.name
_chem_comp.formula
GOL non-polymer GLYCEROL 'C3 H8 O3'
MG non-polymer 'MAGNESIUM ION' 'Mg 2'
#
# COMPACT_ATOMS: atom_id res chain seq x y z
N LYS A 3 -28.38 -4.63 -9.99
CA LYS A 3 -29.63 -4.01 -9.58
C LYS A 3 -29.46 -2.49 -9.45
N LYS A 4 -30.44 -1.74 -9.97
CA LYS A 4 -30.40 -0.28 -9.93
C LYS A 4 -30.67 0.24 -8.52
N LYS A 5 -30.05 1.37 -8.18
CA LYS A 5 -30.09 1.93 -6.85
C LYS A 5 -31.37 2.73 -6.59
N GLY A 6 -31.77 2.81 -5.32
CA GLY A 6 -32.72 3.82 -4.92
C GLY A 6 -32.01 5.15 -5.03
N PRO A 7 -32.78 6.25 -5.17
CA PRO A 7 -32.18 7.58 -5.27
C PRO A 7 -31.36 7.94 -4.04
N LYS A 8 -31.88 7.66 -2.86
CA LYS A 8 -31.18 8.04 -1.64
C LYS A 8 -29.89 7.24 -1.40
N TYR A 9 -29.79 6.08 -2.04
CA TYR A 9 -28.62 5.21 -1.97
C TYR A 9 -27.37 5.99 -2.28
N ASP A 10 -27.37 6.57 -3.47
CA ASP A 10 -26.27 7.40 -3.95
C ASP A 10 -26.02 8.59 -3.02
N GLN A 11 -27.09 9.10 -2.47
CA GLN A 11 -27.08 10.26 -1.58
C GLN A 11 -26.38 9.96 -0.25
N ILE A 12 -26.67 8.82 0.34
CA ILE A 12 -26.03 8.42 1.58
C ILE A 12 -24.53 8.18 1.39
N ILE A 13 -24.18 7.45 0.34
CA ILE A 13 -22.79 7.17 -0.03
C ILE A 13 -21.95 8.43 -0.16
N ASP A 14 -22.43 9.39 -0.97
CA ASP A 14 -21.78 10.69 -1.12
C ASP A 14 -21.54 11.33 0.24
N ALA A 15 -22.56 11.30 1.10
CA ALA A 15 -22.42 11.89 2.43
C ALA A 15 -21.47 11.07 3.29
N ALA A 16 -21.45 9.77 3.05
CA ALA A 16 -20.55 8.88 3.80
C ALA A 16 -19.09 9.26 3.52
N VAL A 17 -18.78 9.44 2.24
CA VAL A 17 -17.45 9.89 1.85
C VAL A 17 -17.06 11.12 2.65
N GLN A 18 -17.94 12.11 2.72
CA GLN A 18 -17.62 13.35 3.39
C GLN A 18 -17.37 13.20 4.89
N VAL A 19 -18.23 12.47 5.57
CA VAL A 19 -18.10 12.31 7.02
C VAL A 19 -16.89 11.45 7.39
N ILE A 20 -16.65 10.41 6.61
CA ILE A 20 -15.54 9.50 6.87
C ILE A 20 -14.20 10.21 6.67
N ALA A 21 -14.09 10.96 5.58
CA ALA A 21 -12.89 11.73 5.32
C ALA A 21 -12.68 12.78 6.41
N GLU A 22 -13.70 13.59 6.65
CA GLU A 22 -13.57 14.71 7.58
C GLU A 22 -13.33 14.25 9.03
N HIS A 23 -13.92 13.15 9.47
CA HIS A 23 -13.78 12.76 10.87
C HIS A 23 -12.95 11.50 11.12
N GLY A 24 -12.84 10.64 10.11
CA GLY A 24 -12.19 9.35 10.30
C GLY A 24 -13.23 8.24 10.36
N TYR A 25 -12.84 7.03 10.00
CA TYR A 25 -13.78 5.94 9.94
C TYR A 25 -14.36 5.57 11.30
N HIS A 26 -13.49 5.37 12.28
CA HIS A 26 -13.91 4.94 13.61
C HIS A 26 -14.87 5.94 14.24
N GLN A 27 -14.56 7.22 14.08
CA GLN A 27 -15.34 8.28 14.69
C GLN A 27 -16.47 8.77 13.79
N ALA A 28 -16.77 8.00 12.74
CA ALA A 28 -17.96 8.27 11.94
C ALA A 28 -19.12 7.48 12.53
N GLN A 29 -20.33 7.99 12.39
CA GLN A 29 -21.50 7.31 12.88
C GLN A 29 -22.61 7.40 11.86
N VAL A 30 -23.49 6.41 11.88
CA VAL A 30 -24.61 6.36 10.96
C VAL A 30 -25.46 7.62 11.09
N SER A 31 -25.71 8.08 12.32
CA SER A 31 -26.55 9.25 12.52
C SER A 31 -25.93 10.50 11.89
N LYS A 32 -24.60 10.60 11.95
CA LYS A 32 -23.93 11.75 11.36
C LYS A 32 -23.93 11.69 9.84
N ILE A 33 -23.91 10.48 9.29
CA ILE A 33 -24.02 10.28 7.86
C ILE A 33 -25.44 10.64 7.41
N ALA A 34 -26.44 10.27 8.22
CA ALA A 34 -27.82 10.60 7.94
C ALA A 34 -28.01 12.11 7.87
N LYS A 35 -27.55 12.83 8.90
CA LYS A 35 -27.72 14.28 8.90
C LYS A 35 -27.03 14.92 7.70
N ALA A 36 -25.81 14.47 7.39
CA ALA A 36 -25.08 14.97 6.24
C ALA A 36 -25.79 14.65 4.92
N ALA A 37 -26.44 13.49 4.84
CA ALA A 37 -27.20 13.17 3.64
C ALA A 37 -28.58 13.82 3.65
N GLY A 38 -28.93 14.49 4.76
CA GLY A 38 -30.25 15.09 4.93
C GLY A 38 -31.42 14.12 5.05
N VAL A 39 -31.20 12.99 5.70
CA VAL A 39 -32.24 11.98 5.85
C VAL A 39 -32.41 11.61 7.33
N ALA A 40 -33.53 10.99 7.67
CA ALA A 40 -33.72 10.48 9.03
C ALA A 40 -32.79 9.29 9.26
N ASP A 41 -32.41 9.06 10.51
CA ASP A 41 -31.49 7.97 10.84
C ASP A 41 -32.02 6.65 10.34
N GLY A 42 -33.33 6.45 10.50
CA GLY A 42 -33.97 5.22 10.09
C GLY A 42 -33.95 5.01 8.59
N THR A 43 -33.83 6.08 7.83
CA THR A 43 -33.78 5.96 6.38
C THR A 43 -32.49 5.25 5.94
N ILE A 44 -31.40 5.54 6.63
CA ILE A 44 -30.12 4.91 6.31
C ILE A 44 -30.22 3.39 6.41
N TYR A 45 -30.91 2.90 7.42
CA TYR A 45 -31.03 1.46 7.65
C TYR A 45 -31.94 0.76 6.66
N LEU A 46 -32.71 1.53 5.91
CA LEU A 46 -33.44 1.00 4.77
C LEU A 46 -32.49 0.58 3.65
N TYR A 47 -31.31 1.21 3.63
CA TYR A 47 -30.37 1.05 2.52
C TYR A 47 -29.16 0.21 2.92
N PHE A 48 -28.70 0.40 4.16
CA PHE A 48 -27.51 -0.29 4.67
C PHE A 48 -27.77 -0.79 6.10
N ASN A 49 -27.02 -1.81 6.52
N ASN A 49 -27.05 -1.84 6.53
CA ASN A 49 -27.23 -2.42 7.83
CA ASN A 49 -27.27 -2.37 7.88
C ASN A 49 -26.39 -1.78 8.93
C ASN A 49 -26.43 -1.65 8.93
N ASN A 50 -25.22 -1.25 8.56
CA ASN A 50 -24.36 -0.53 9.48
C ASN A 50 -23.27 0.25 8.76
N LYS A 51 -22.37 0.80 9.55
CA LYS A 51 -21.30 1.65 9.04
C LYS A 51 -20.36 0.93 8.07
N GLU A 52 -20.06 -0.34 8.36
CA GLU A 52 -19.12 -1.06 7.51
C GLU A 52 -19.80 -1.46 6.22
N ASP A 53 -21.12 -1.68 6.27
CA ASP A 53 -21.88 -1.90 5.05
C ASP A 53 -21.90 -0.66 4.15
N VAL A 54 -21.91 0.53 4.76
CA VAL A 54 -21.85 1.77 3.99
C VAL A 54 -20.47 1.83 3.32
N LEU A 55 -19.43 1.58 4.10
CA LEU A 55 -18.06 1.66 3.60
C LEU A 55 -17.79 0.77 2.40
N ILE A 56 -18.24 -0.48 2.45
CA ILE A 56 -17.97 -1.45 1.39
C ILE A 56 -18.82 -1.17 0.15
N SER A 57 -20.07 -0.76 0.37
CA SER A 57 -20.96 -0.41 -0.73
C SER A 57 -20.37 0.83 -1.42
N LEU A 58 -19.87 1.74 -0.62
CA LEU A 58 -19.16 2.93 -1.10
C LEU A 58 -18.03 2.55 -2.05
N PHE A 59 -17.16 1.65 -1.59
CA PHE A 59 -15.99 1.25 -2.35
C PHE A 59 -16.41 0.48 -3.58
N GLN A 60 -17.37 -0.44 -3.42
CA GLN A 60 -17.83 -1.23 -4.53
C GLN A 60 -18.40 -0.34 -5.63
N GLU A 61 -19.18 0.64 -5.23
CA GLU A 61 -19.77 1.59 -6.14
C GLU A 61 -18.77 2.49 -6.83
N LYS A 62 -17.92 3.15 -6.05
CA LYS A 62 -16.93 4.03 -6.59
C LYS A 62 -15.96 3.29 -7.50
N MET A 63 -15.54 2.11 -7.10
CA MET A 63 -14.61 1.35 -7.92
C MET A 63 -15.20 0.84 -9.20
N GLY A 64 -16.47 0.50 -9.19
CA GLY A 64 -17.11 -0.02 -10.37
C GLY A 64 -17.18 0.98 -11.48
N ARG A 65 -17.48 2.20 -11.14
CA ARG A 65 -17.44 3.29 -12.10
C ARG A 65 -16.02 3.72 -12.48
N PHE A 66 -15.10 3.69 -11.52
CA PHE A 66 -13.71 4.04 -11.75
C PHE A 66 -13.15 3.19 -12.86
N VAL A 67 -13.40 1.91 -12.81
CA VAL A 67 -12.90 0.97 -13.77
C VAL A 67 -13.55 1.09 -15.14
N ASP A 68 -14.86 1.14 -15.19
CA ASP A 68 -15.56 1.28 -16.48
C ASP A 68 -15.20 2.56 -17.23
N LYS A 69 -14.99 3.67 -16.51
CA LYS A 69 -14.48 4.87 -17.16
C LYS A 69 -13.06 4.68 -17.69
N ILE A 70 -12.20 3.97 -16.97
CA ILE A 70 -10.85 3.71 -17.47
C ILE A 70 -10.96 2.80 -18.68
N ARG A 71 -11.78 1.76 -18.53
CA ARG A 71 -11.96 0.80 -19.60
C ARG A 71 -12.48 1.49 -20.86
N SER A 72 -13.34 2.49 -20.68
CA SER A 72 -13.89 3.22 -21.82
C SER A 72 -12.80 4.02 -22.53
N GLN A 73 -12.06 4.82 -21.78
CA GLN A 73 -11.03 5.66 -22.36
C GLN A 73 -9.97 4.82 -23.08
N MET A 74 -9.83 3.58 -22.65
CA MET A 74 -8.85 2.66 -23.23
C MET A 74 -9.22 2.12 -24.61
N ASN A 75 -10.46 1.70 -24.80
CA ASN A 75 -10.81 1.07 -26.08
C ASN A 75 -10.99 2.05 -27.23
N GLU A 76 -11.02 3.33 -26.89
CA GLU A 76 -10.90 4.37 -27.91
C GLU A 76 -9.45 4.83 -27.96
N ALA A 77 -8.56 3.86 -28.18
CA ALA A 77 -7.13 4.13 -28.28
C ALA A 77 -6.46 3.05 -29.12
N THR A 78 -5.23 3.34 -29.54
CA THR A 78 -4.51 2.48 -30.47
C THR A 78 -3.40 1.66 -29.81
N ASP A 79 -2.25 2.31 -29.61
CA ASP A 79 -1.10 1.71 -28.96
C ASP A 79 -1.41 1.35 -27.49
N VAL A 80 -0.82 0.26 -27.02
CA VAL A 80 -1.08 -0.25 -25.67
C VAL A 80 -0.31 0.55 -24.62
N GLU A 81 0.77 1.20 -25.03
CA GLU A 81 1.47 2.05 -24.08
C GLU A 81 0.65 3.31 -23.91
N GLU A 82 -0.10 3.72 -24.93
CA GLU A 82 -1.01 4.85 -24.69
C GLU A 82 -2.19 4.36 -23.83
N LYS A 83 -2.49 3.06 -23.90
CA LYS A 83 -3.50 2.52 -22.99
C LYS A 83 -2.98 2.56 -21.56
N LEU A 84 -1.71 2.27 -21.37
CA LEU A 84 -1.11 2.35 -20.05
C LEU A 84 -1.10 3.81 -19.57
N LYS A 85 -0.79 4.73 -20.47
CA LYS A 85 -0.80 6.14 -20.13
C LYS A 85 -2.20 6.55 -19.72
N ILE A 86 -3.19 6.07 -20.46
CA ILE A 86 -4.59 6.36 -20.14
C ILE A 86 -4.97 5.82 -18.78
N LEU A 87 -4.59 4.57 -18.51
CA LEU A 87 -4.85 4.01 -17.19
C LEU A 87 -4.22 4.87 -16.10
N VAL A 88 -2.94 5.22 -16.25
CA VAL A 88 -2.27 5.99 -15.22
C VAL A 88 -2.94 7.38 -15.05
N ASN A 89 -3.19 8.12 -16.11
CA ASN A 89 -3.92 9.39 -16.03
C ASN A 89 -5.34 9.23 -15.63
N MET A 90 -6.08 8.18 -16.02
CA MET A 90 -7.43 8.12 -15.46
C MET A 90 -7.42 7.82 -13.93
N HIS A 91 -6.40 7.08 -13.47
CA HIS A 91 -6.29 6.76 -12.05
C HIS A 91 -6.03 8.01 -11.23
N PHE A 92 -5.01 8.77 -11.60
CA PHE A 92 -4.67 9.98 -10.89
C PHE A 92 -5.78 11.05 -10.99
N LYS A 93 -6.39 11.19 -12.17
CA LYS A 93 -7.39 12.24 -12.40
C LYS A 93 -8.63 12.03 -11.55
N GLN A 94 -9.11 10.80 -11.50
CA GLN A 94 -10.32 10.52 -10.74
C GLN A 94 -10.10 10.77 -9.25
N LEU A 95 -8.88 10.55 -8.77
CA LEU A 95 -8.63 10.81 -7.37
C LEU A 95 -8.35 12.29 -7.15
N ALA A 96 -7.69 12.90 -8.11
CA ALA A 96 -7.44 14.33 -8.04
C ALA A 96 -8.78 15.08 -8.04
N ALA A 97 -9.79 14.51 -8.68
CA ALA A 97 -11.09 15.19 -8.81
C ALA A 97 -11.93 15.05 -7.56
N ASP A 98 -11.51 14.21 -6.62
CA ASP A 98 -12.28 13.97 -5.39
C ASP A 98 -11.37 13.70 -4.19
N HIS A 99 -10.90 14.77 -3.55
CA HIS A 99 -9.93 14.65 -2.46
C HIS A 99 -10.45 13.86 -1.27
N LYS A 100 -11.73 14.05 -0.93
CA LYS A 100 -12.32 13.37 0.22
C LYS A 100 -12.40 11.88 -0.05
N LEU A 101 -12.81 11.53 -1.26
CA LEU A 101 -12.81 10.14 -1.67
C LEU A 101 -11.40 9.55 -1.58
N ALA A 102 -10.39 10.28 -2.06
CA ALA A 102 -9.01 9.83 -1.95
C ALA A 102 -8.62 9.56 -0.50
N ILE A 103 -9.06 10.43 0.41
CA ILE A 103 -8.78 10.20 1.83
C ILE A 103 -9.39 8.87 2.31
N VAL A 104 -10.62 8.60 1.90
CA VAL A 104 -11.31 7.36 2.28
C VAL A 104 -10.62 6.13 1.72
N THR A 105 -10.31 6.12 0.42
CA THR A 105 -9.72 4.93 -0.17
C THR A 105 -8.24 4.71 0.23
N GLN A 106 -7.52 5.77 0.58
CA GLN A 106 -6.08 5.60 0.87
C GLN A 106 -5.75 5.51 2.36
N LEU A 107 -6.51 6.21 3.18
CA LEU A 107 -6.20 6.27 4.60
C LEU A 107 -7.24 5.60 5.47
N GLU A 108 -8.52 5.76 5.14
CA GLU A 108 -9.59 5.25 6.02
C GLU A 108 -9.97 3.81 5.70
N LEU A 109 -9.67 3.33 4.49
CA LEU A 109 -9.70 1.89 4.23
C LEU A 109 -8.42 1.24 4.76
N THR A 114 -8.42 -8.30 9.18
CA THR A 114 -9.87 -8.28 9.43
C THR A 114 -10.65 -8.79 8.23
N GLU A 115 -11.94 -9.06 8.45
CA GLU A 115 -12.84 -9.48 7.38
C GLU A 115 -13.10 -8.33 6.41
N LEU A 116 -13.00 -7.11 6.93
CA LEU A 116 -13.14 -5.89 6.15
C LEU A 116 -12.10 -5.80 5.04
N ALA A 117 -10.83 -5.97 5.41
CA ALA A 117 -9.73 -5.97 4.45
C ALA A 117 -9.94 -7.00 3.33
N LEU A 118 -10.40 -8.19 3.70
CA LEU A 118 -10.66 -9.24 2.71
C LEU A 118 -11.69 -8.79 1.68
N LYS A 119 -12.73 -8.09 2.16
CA LYS A 119 -13.78 -7.60 1.29
C LYS A 119 -13.30 -6.49 0.38
N ILE A 120 -12.49 -5.58 0.94
CA ILE A 120 -11.90 -4.51 0.15
C ILE A 120 -11.03 -5.12 -0.95
N ASN A 121 -10.24 -6.14 -0.61
CA ASN A 121 -9.43 -6.83 -1.61
C ASN A 121 -10.25 -7.46 -2.73
N GLU A 122 -11.44 -7.95 -2.40
CA GLU A 122 -12.32 -8.53 -3.40
C GLU A 122 -12.82 -7.46 -4.38
N VAL A 123 -13.19 -6.30 -3.87
CA VAL A 123 -13.62 -5.20 -4.73
C VAL A 123 -12.50 -4.77 -5.68
N LEU A 124 -11.30 -4.69 -5.11
CA LEU A 124 -10.12 -4.29 -5.85
C LEU A 124 -9.87 -5.20 -7.06
N LYS A 125 -10.34 -6.46 -6.98
CA LYS A 125 -10.05 -7.43 -8.03
C LYS A 125 -10.51 -6.99 -9.41
N GLY A 126 -11.57 -6.20 -9.46
CA GLY A 126 -12.06 -5.69 -10.74
C GLY A 126 -11.03 -4.82 -11.43
N TYR A 127 -10.39 -3.95 -10.67
CA TYR A 127 -9.33 -3.10 -11.23
C TYR A 127 -8.12 -3.96 -11.64
N LEU A 128 -7.70 -4.88 -10.77
CA LEU A 128 -6.55 -5.75 -11.04
C LEU A 128 -6.79 -6.61 -12.31
N ASN A 129 -8.04 -7.02 -12.54
CA ASN A 129 -8.39 -7.70 -13.78
C ASN A 129 -8.16 -6.84 -15.00
N LEU A 130 -8.51 -5.56 -14.92
CA LEU A 130 -8.31 -4.64 -16.02
C LEU A 130 -6.82 -4.52 -16.34
N LEU A 131 -6.01 -4.41 -15.30
CA LEU A 131 -4.57 -4.36 -15.47
C LEU A 131 -4.07 -5.61 -16.20
N ASP A 132 -4.55 -6.77 -15.77
CA ASP A 132 -4.18 -8.06 -16.37
C ASP A 132 -4.50 -8.10 -17.89
N GLU A 133 -5.72 -7.72 -18.25
CA GLU A 133 -6.13 -7.56 -19.66
C GLU A 133 -5.14 -6.73 -20.45
N LEU A 134 -4.83 -5.54 -19.92
CA LEU A 134 -3.86 -4.64 -20.53
C LEU A 134 -2.48 -5.29 -20.72
N LEU A 135 -2.03 -6.01 -19.71
CA LEU A 135 -0.73 -6.63 -19.75
C LEU A 135 -0.71 -7.78 -20.76
N MET A 136 -1.77 -8.59 -20.78
CA MET A 136 -1.87 -9.68 -21.72
C MET A 136 -1.84 -9.15 -23.17
N GLU A 137 -2.62 -8.10 -23.41
CA GLU A 137 -2.65 -7.46 -24.73
C GLU A 137 -1.28 -6.99 -25.19
N GLY A 138 -0.61 -6.22 -24.33
CA GLY A 138 0.71 -5.70 -24.63
C GLY A 138 1.78 -6.75 -24.85
N LYS A 139 1.69 -7.88 -24.15
CA LYS A 139 2.59 -9.01 -24.36
C LYS A 139 2.34 -9.63 -25.73
N GLU A 140 1.09 -9.92 -25.98
CA GLU A 140 0.65 -10.50 -27.24
C GLU A 140 1.05 -9.69 -28.48
N LYS A 141 1.05 -8.36 -28.36
CA LYS A 141 1.36 -7.50 -29.50
C LYS A 141 2.82 -7.06 -29.47
N GLY A 142 3.58 -7.65 -28.56
CA GLY A 142 5.01 -7.38 -28.49
C GLY A 142 5.40 -6.00 -28.00
N TYR A 143 4.48 -5.29 -27.34
CA TYR A 143 4.84 -4.03 -26.69
C TYR A 143 5.60 -4.27 -25.37
N PHE A 144 5.13 -5.23 -24.57
CA PHE A 144 5.80 -5.57 -23.32
C PHE A 144 6.64 -6.82 -23.55
N PHE A 145 7.75 -6.97 -22.84
CA PHE A 145 8.63 -8.11 -23.11
C PHE A 145 7.89 -9.41 -22.73
N GLN A 146 8.16 -10.49 -23.46
CA GLN A 146 7.23 -11.63 -23.44
C GLN A 146 7.42 -12.55 -22.22
N GLU A 147 8.60 -12.53 -21.62
CA GLU A 147 8.87 -13.33 -20.42
C GLU A 147 8.31 -12.65 -19.15
N LEU A 148 7.55 -11.58 -19.33
CA LEU A 148 7.00 -10.81 -18.22
C LEU A 148 5.95 -11.61 -17.47
N ASP A 149 6.09 -11.68 -16.15
CA ASP A 149 5.05 -12.31 -15.37
C ASP A 149 3.91 -11.33 -15.22
N THR A 150 2.72 -11.73 -15.65
CA THR A 150 1.58 -10.83 -15.58
C THR A 150 1.21 -10.49 -14.14
N ARG A 151 1.29 -11.48 -13.24
CA ARG A 151 0.95 -11.22 -11.85
C ARG A 151 1.90 -10.21 -11.20
N LEU A 152 3.20 -10.40 -11.37
CA LEU A 152 4.16 -9.49 -10.77
C LEU A 152 4.04 -8.08 -11.34
N ALA A 153 3.83 -8.02 -12.66
CA ALA A 153 3.71 -6.73 -13.34
C ALA A 153 2.50 -5.94 -12.83
N ARG A 154 1.39 -6.65 -12.60
CA ARG A 154 0.17 -6.07 -12.05
C ARG A 154 0.41 -5.52 -10.66
N GLN A 155 1.18 -6.26 -9.86
CA GLN A 155 1.49 -5.83 -8.52
C GLN A 155 2.42 -4.61 -8.55
N MET A 156 3.39 -4.61 -9.45
CA MET A 156 4.23 -3.41 -9.62
C MET A 156 3.38 -2.20 -10.03
N ILE A 157 2.54 -2.36 -11.04
CA ILE A 157 1.76 -1.22 -11.49
C ILE A 157 0.82 -0.73 -10.37
N PHE A 158 -0.01 -1.62 -9.83
CA PHE A 158 -0.92 -1.17 -8.80
C PHE A 158 -0.19 -0.67 -7.57
N GLY A 159 0.82 -1.41 -7.12
CA GLY A 159 1.54 -1.01 -5.93
C GLY A 159 2.19 0.37 -6.09
N THR A 160 2.69 0.67 -7.29
CA THR A 160 3.31 1.99 -7.52
C THR A 160 2.28 3.13 -7.54
N LEU A 161 1.20 2.98 -8.32
CA LEU A 161 0.17 4.00 -8.41
C LEU A 161 -0.42 4.29 -7.03
N ASP A 162 -0.67 3.21 -6.29
CA ASP A 162 -1.26 3.34 -4.96
C ASP A 162 -0.32 4.04 -3.96
N GLU A 163 0.97 3.73 -4.03
CA GLU A 163 1.95 4.37 -3.18
C GLU A 163 2.10 5.86 -3.51
N VAL A 164 2.04 6.21 -4.79
CA VAL A 164 2.14 7.62 -5.19
C VAL A 164 0.92 8.37 -4.65
N VAL A 165 -0.27 7.81 -4.84
CA VAL A 165 -1.49 8.44 -4.35
C VAL A 165 -1.52 8.58 -2.83
N THR A 166 -1.10 7.53 -2.15
CA THR A 166 -1.11 7.56 -0.70
C THR A 166 -0.16 8.63 -0.14
N ASN A 167 0.99 8.82 -0.78
CA ASN A 167 1.89 9.86 -0.32
C ASN A 167 1.30 11.25 -0.54
N TRP A 168 0.62 11.41 -1.66
CA TRP A 168 -0.11 12.64 -1.96
C TRP A 168 -1.20 12.94 -0.88
N VAL A 169 -2.00 11.92 -0.55
CA VAL A 169 -3.01 12.05 0.51
C VAL A 169 -2.37 12.40 1.86
N MET A 170 -1.21 11.79 2.16
CA MET A 170 -0.52 12.09 3.42
C MET A 170 -0.06 13.54 3.47
N LYS A 171 0.17 14.14 2.30
CA LYS A 171 0.59 15.54 2.23
C LYS A 171 -0.61 16.45 1.96
N ASP A 172 -1.78 15.99 2.39
CA ASP A 172 -3.03 16.73 2.32
C ASP A 172 -3.43 17.14 0.90
N CYS A 173 -3.13 16.28 -0.07
CA CYS A 173 -3.51 16.49 -1.46
C CYS A 173 -3.12 17.87 -1.99
N LYS A 174 -2.06 18.40 -1.41
CA LYS A 174 -1.54 19.74 -1.67
C LYS A 174 -1.06 19.99 -3.09
N TYR A 175 -0.33 19.03 -3.66
CA TYR A 175 0.30 19.29 -4.94
C TYR A 175 -0.47 18.64 -6.06
N ASP A 176 -0.08 18.99 -7.27
CA ASP A 176 -0.73 18.54 -8.48
C ASP A 176 -0.39 17.08 -8.74
N LEU A 177 -1.32 16.17 -8.45
CA LEU A 177 -1.05 14.75 -8.64
C LEU A 177 -0.89 14.42 -10.12
N THR A 178 -1.63 15.10 -10.98
CA THR A 178 -1.59 14.78 -12.40
C THR A 178 -0.30 15.25 -13.08
N ALA A 179 0.56 15.97 -12.36
CA ALA A 179 1.92 16.27 -12.86
C ALA A 179 2.82 15.03 -12.85
N LEU A 180 2.39 13.97 -12.18
CA LEU A 180 3.19 12.76 -12.05
C LEU A 180 2.83 11.69 -13.07
N VAL A 181 1.77 11.93 -13.85
CA VAL A 181 1.28 10.95 -14.82
C VAL A 181 2.37 10.49 -15.77
N LYS A 182 3.05 11.46 -16.40
CA LYS A 182 4.03 11.12 -17.44
C LYS A 182 5.25 10.43 -16.86
N PRO A 183 5.88 10.99 -15.79
CA PRO A 183 7.06 10.25 -15.34
C PRO A 183 6.72 8.90 -14.68
N VAL A 184 5.53 8.75 -14.09
CA VAL A 184 5.15 7.43 -13.55
C VAL A 184 5.03 6.43 -14.68
N HIS A 185 4.27 6.82 -15.70
CA HIS A 185 4.11 6.01 -16.90
C HIS A 185 5.47 5.58 -17.48
N GLN A 186 6.37 6.55 -17.67
CA GLN A 186 7.71 6.25 -18.20
C GLN A 186 8.50 5.29 -17.31
N LEU A 187 8.36 5.49 -16.01
CA LEU A 187 9.10 4.69 -15.04
C LEU A 187 8.59 3.23 -15.05
N LEU A 188 7.28 3.04 -15.17
CA LEU A 188 6.72 1.70 -15.26
C LEU A 188 7.23 0.97 -16.53
N LEU A 189 7.32 1.70 -17.63
CA LEU A 189 7.76 1.11 -18.89
C LEU A 189 9.24 0.80 -18.96
N GLY A 190 10.07 1.66 -18.38
CA GLY A 190 11.52 1.54 -18.55
C GLY A 190 12.30 1.20 -17.29
N GLY A 191 11.60 1.08 -16.16
CA GLY A 191 12.28 0.76 -14.91
C GLY A 191 13.33 1.78 -14.51
N LEU A 192 14.21 1.38 -13.60
CA LEU A 192 15.30 2.26 -13.18
C LEU A 192 16.33 2.53 -14.30
N ARG A 193 16.50 1.59 -15.22
CA ARG A 193 17.59 1.68 -16.21
C ARG A 193 17.32 2.65 -17.35
N HIS A 194 16.07 2.73 -17.81
CA HIS A 194 15.77 3.29 -19.12
C HIS A 194 14.80 4.43 -19.17
N ARG A 195 15.26 5.54 -19.78
CA ARG A 195 14.44 6.54 -20.48
C ARG A 195 15.26 7.81 -20.63
N LYS B 8 15.33 -8.25 29.50
CA LYS B 8 14.05 -8.77 29.04
C LYS B 8 13.44 -7.87 27.97
N TYR B 9 14.25 -6.98 27.41
CA TYR B 9 13.77 -6.08 26.36
C TYR B 9 13.46 -6.85 25.09
N ASP B 10 14.38 -7.70 24.64
CA ASP B 10 14.18 -8.47 23.42
C ASP B 10 12.97 -9.40 23.54
N GLN B 11 12.74 -9.93 24.74
CA GLN B 11 11.64 -10.86 24.96
C GLN B 11 10.28 -10.15 24.85
N ILE B 12 10.24 -8.92 25.35
CA ILE B 12 9.02 -8.14 25.26
C ILE B 12 8.73 -7.79 23.79
N ILE B 13 9.78 -7.48 23.04
CA ILE B 13 9.65 -7.17 21.62
C ILE B 13 9.09 -8.36 20.86
N ASP B 14 9.74 -9.51 21.00
CA ASP B 14 9.29 -10.73 20.35
C ASP B 14 7.87 -11.10 20.77
N ALA B 15 7.57 -10.96 22.06
CA ALA B 15 6.21 -11.23 22.53
C ALA B 15 5.18 -10.26 21.93
N ALA B 16 5.59 -9.01 21.74
CA ALA B 16 4.69 -8.01 21.17
C ALA B 16 4.30 -8.41 19.73
N VAL B 17 5.28 -8.86 18.96
CA VAL B 17 5.01 -9.35 17.61
C VAL B 17 3.99 -10.46 17.62
N GLN B 18 4.27 -11.48 18.43
CA GLN B 18 3.38 -12.64 18.56
C GLN B 18 1.95 -12.25 18.91
N VAL B 19 1.80 -11.40 19.93
CA VAL B 19 0.48 -11.02 20.42
C VAL B 19 -0.28 -10.16 19.41
N ILE B 20 0.39 -9.14 18.87
CA ILE B 20 -0.23 -8.26 17.88
C ILE B 20 -0.60 -9.03 16.63
N ALA B 21 0.27 -9.94 16.19
CA ALA B 21 -0.04 -10.76 15.03
C ALA B 21 -1.20 -11.73 15.31
N GLU B 22 -1.29 -12.27 16.52
CA GLU B 22 -2.35 -13.25 16.77
C GLU B 22 -3.70 -12.60 17.07
N HIS B 23 -3.69 -11.46 17.76
CA HIS B 23 -4.95 -10.84 18.21
C HIS B 23 -5.31 -9.56 17.48
N GLY B 24 -4.37 -9.00 16.72
CA GLY B 24 -4.58 -7.70 16.10
C GLY B 24 -4.18 -6.61 17.07
N TYR B 25 -3.74 -5.47 16.55
CA TYR B 25 -3.29 -4.37 17.40
C TYR B 25 -4.39 -3.83 18.32
N HIS B 26 -5.64 -3.91 17.87
CA HIS B 26 -6.76 -3.39 18.66
C HIS B 26 -7.02 -4.20 19.94
N GLN B 27 -7.31 -5.50 19.81
CA GLN B 27 -7.57 -6.33 21.00
C GLN B 27 -6.29 -6.79 21.68
N ALA B 28 -5.13 -6.36 21.20
CA ALA B 28 -3.87 -6.73 21.86
C ALA B 28 -3.68 -5.88 23.09
N GLN B 29 -3.69 -6.50 24.27
CA GLN B 29 -3.58 -5.74 25.50
C GLN B 29 -2.16 -5.88 26.01
N VAL B 30 -1.65 -4.84 26.65
CA VAL B 30 -0.29 -4.87 27.15
C VAL B 30 -0.06 -6.00 28.17
N SER B 31 -1.08 -6.34 28.97
CA SER B 31 -0.92 -7.42 29.94
C SER B 31 -0.79 -8.76 29.20
N LYS B 32 -1.41 -8.85 28.03
CA LYS B 32 -1.23 -10.03 27.19
C LYS B 32 0.21 -10.13 26.73
N ILE B 33 0.81 -8.99 26.38
CA ILE B 33 2.20 -8.99 25.95
C ILE B 33 3.14 -9.36 27.08
N ALA B 34 2.89 -8.85 28.27
CA ALA B 34 3.73 -9.14 29.43
C ALA B 34 3.71 -10.63 29.70
N LYS B 35 2.53 -11.22 29.67
CA LYS B 35 2.45 -12.65 29.91
C LYS B 35 3.24 -13.42 28.88
N ALA B 36 3.08 -13.07 27.60
CA ALA B 36 3.77 -13.79 26.54
C ALA B 36 5.29 -13.63 26.64
N ALA B 37 5.73 -12.55 27.28
CA ALA B 37 7.17 -12.32 27.43
C ALA B 37 7.70 -12.91 28.74
N GLY B 38 6.79 -13.30 29.63
CA GLY B 38 7.19 -13.84 30.92
C GLY B 38 7.73 -12.80 31.87
N VAL B 39 7.10 -11.64 31.91
CA VAL B 39 7.49 -10.60 32.87
C VAL B 39 6.26 -10.05 33.54
N ALA B 40 6.48 -9.31 34.62
CA ALA B 40 5.39 -8.63 35.29
C ALA B 40 4.89 -7.47 34.41
N ASP B 41 3.61 -7.15 34.51
CA ASP B 41 3.05 -6.00 33.80
C ASP B 41 3.93 -4.77 34.02
N GLY B 42 4.38 -4.58 35.26
CA GLY B 42 5.21 -3.46 35.63
C GLY B 42 6.51 -3.31 34.86
N THR B 43 7.16 -4.43 34.56
CA THR B 43 8.43 -4.43 33.84
C THR B 43 8.28 -3.88 32.41
N ILE B 44 7.10 -4.08 31.81
CA ILE B 44 6.80 -3.52 30.50
C ILE B 44 6.97 -2.00 30.53
N TYR B 45 6.53 -1.39 31.62
CA TYR B 45 6.55 0.06 31.71
C TYR B 45 7.88 0.68 32.10
N LEU B 46 8.88 -0.15 32.35
CA LEU B 46 10.24 0.35 32.49
C LEU B 46 10.80 0.75 31.11
N TYR B 47 10.31 0.09 30.07
CA TYR B 47 10.78 0.39 28.71
C TYR B 47 9.79 1.26 27.93
N PHE B 48 8.51 0.94 28.06
CA PHE B 48 7.48 1.58 27.27
C PHE B 48 6.44 2.23 28.16
N ASN B 49 5.88 3.35 27.75
CA ASN B 49 4.89 3.98 28.62
C ASN B 49 3.48 3.77 28.14
N ASN B 50 3.29 3.11 27.02
CA ASN B 50 1.94 2.73 26.60
C ASN B 50 1.95 1.79 25.43
N LYS B 51 0.78 1.30 25.08
CA LYS B 51 0.64 0.33 24.01
C LYS B 51 1.14 0.87 22.67
N GLU B 52 0.94 2.16 22.42
CA GLU B 52 1.48 2.76 21.19
C GLU B 52 3.00 2.73 21.18
N ASP B 53 3.62 3.17 22.28
CA ASP B 53 5.08 3.15 22.38
C ASP B 53 5.65 1.73 22.20
N VAL B 54 4.84 0.72 22.52
CA VAL B 54 5.27 -0.66 22.34
C VAL B 54 5.31 -0.97 20.84
N LEU B 55 4.25 -0.58 20.13
CA LEU B 55 4.18 -0.82 18.70
C LEU B 55 5.23 -0.05 17.93
N ILE B 56 5.41 1.23 18.26
CA ILE B 56 6.45 2.05 17.63
C ILE B 56 7.84 1.51 17.91
N SER B 57 8.14 1.23 19.18
CA SER B 57 9.47 0.77 19.54
C SER B 57 9.73 -0.60 18.92
N LEU B 58 8.67 -1.36 18.73
CA LEU B 58 8.77 -2.65 18.05
C LEU B 58 9.20 -2.45 16.59
N PHE B 59 8.47 -1.60 15.87
CA PHE B 59 8.82 -1.28 14.49
C PHE B 59 10.23 -0.66 14.42
N GLN B 60 10.49 0.29 15.31
CA GLN B 60 11.79 0.96 15.37
C GLN B 60 12.93 -0.02 15.58
N GLU B 61 12.71 -1.01 16.44
CA GLU B 61 13.77 -1.98 16.74
C GLU B 61 14.01 -2.94 15.58
N LYS B 62 12.92 -3.45 15.02
CA LYS B 62 13.04 -4.34 13.86
C LYS B 62 13.64 -3.59 12.66
N MET B 63 13.08 -2.42 12.35
CA MET B 63 13.50 -1.65 11.18
C MET B 63 14.95 -1.26 11.27
N GLY B 64 15.35 -0.80 12.46
CA GLY B 64 16.72 -0.38 12.70
C GLY B 64 17.71 -1.50 12.42
N ARG B 65 17.41 -2.68 12.95
CA ARG B 65 18.23 -3.86 12.73
C ARG B 65 18.27 -4.23 11.25
N PHE B 66 17.09 -4.23 10.64
CA PHE B 66 16.92 -4.55 9.24
C PHE B 66 17.78 -3.60 8.39
N VAL B 67 17.61 -2.30 8.59
CA VAL B 67 18.33 -1.32 7.79
C VAL B 67 19.83 -1.44 8.00
N ASP B 68 20.25 -1.72 9.24
CA ASP B 68 21.67 -1.82 9.54
C ASP B 68 22.31 -3.01 8.81
N LYS B 69 21.64 -4.15 8.81
CA LYS B 69 22.15 -5.33 8.12
C LYS B 69 22.17 -5.15 6.61
N ILE B 70 21.16 -4.48 6.06
CA ILE B 70 21.18 -4.15 4.63
C ILE B 70 22.40 -3.28 4.30
N ARG B 71 22.65 -2.26 5.13
CA ARG B 71 23.75 -1.34 4.88
C ARG B 71 25.08 -2.05 4.87
N SER B 72 25.30 -2.93 5.85
CA SER B 72 26.57 -3.64 5.94
C SER B 72 26.77 -4.64 4.78
N GLN B 73 25.70 -5.30 4.35
CA GLN B 73 25.79 -6.21 3.20
C GLN B 73 26.03 -5.46 1.89
N MET B 74 25.40 -4.29 1.75
CA MET B 74 25.60 -3.45 0.58
C MET B 74 27.02 -2.91 0.46
N ASN B 75 27.55 -2.46 1.59
CA ASN B 75 28.84 -1.80 1.62
C ASN B 75 29.93 -2.82 1.33
N GLU B 76 29.52 -4.08 1.20
CA GLU B 76 30.39 -5.16 0.78
C GLU B 76 30.20 -5.50 -0.71
N ALA B 77 29.10 -5.05 -1.30
CA ALA B 77 28.83 -5.35 -2.71
C ALA B 77 29.64 -4.45 -3.65
N THR B 78 29.86 -4.94 -4.87
CA THR B 78 30.75 -4.28 -5.83
C THR B 78 29.98 -3.53 -6.89
N ASP B 79 28.67 -3.66 -6.83
CA ASP B 79 27.83 -3.33 -7.95
C ASP B 79 26.51 -2.73 -7.42
N VAL B 80 26.07 -1.62 -8.00
CA VAL B 80 24.85 -0.98 -7.52
C VAL B 80 23.60 -1.84 -7.77
N GLU B 81 23.56 -2.54 -8.90
CA GLU B 81 22.42 -3.42 -9.13
C GLU B 81 22.46 -4.59 -8.14
N GLU B 82 23.65 -5.02 -7.77
CA GLU B 82 23.79 -6.01 -6.70
C GLU B 82 23.28 -5.49 -5.35
N LYS B 83 23.55 -4.22 -5.03
CA LYS B 83 23.04 -3.60 -3.81
C LYS B 83 21.52 -3.61 -3.78
N LEU B 84 20.91 -3.32 -4.91
CA LEU B 84 19.45 -3.39 -5.01
C LEU B 84 18.99 -4.81 -4.74
N LYS B 85 19.64 -5.79 -5.35
CA LYS B 85 19.25 -7.19 -5.15
C LYS B 85 19.35 -7.59 -3.69
N ILE B 86 20.41 -7.12 -3.03
CA ILE B 86 20.59 -7.38 -1.60
C ILE B 86 19.42 -6.83 -0.79
N LEU B 87 18.99 -5.62 -1.11
CA LEU B 87 17.85 -5.02 -0.42
C LEU B 87 16.55 -5.82 -0.65
N VAL B 88 16.27 -6.20 -1.89
CA VAL B 88 15.08 -6.98 -2.19
C VAL B 88 15.16 -8.31 -1.43
N ASN B 89 16.29 -8.98 -1.58
CA ASN B 89 16.57 -10.23 -0.87
C ASN B 89 16.37 -10.14 0.65
N MET B 90 16.93 -9.12 1.28
CA MET B 90 16.77 -9.00 2.74
C MET B 90 15.33 -8.70 3.15
N HIS B 91 14.67 -7.81 2.43
CA HIS B 91 13.25 -7.52 2.62
C HIS B 91 12.39 -8.80 2.59
N PHE B 92 12.57 -9.62 1.56
CA PHE B 92 11.76 -10.85 1.47
C PHE B 92 12.22 -11.91 2.46
N LYS B 93 13.52 -12.03 2.69
CA LYS B 93 14.06 -13.10 3.52
C LYS B 93 13.68 -12.94 4.98
N GLN B 94 13.68 -11.70 5.46
CA GLN B 94 13.35 -11.45 6.85
C GLN B 94 11.87 -11.75 7.15
N LEU B 95 11.01 -11.42 6.19
CA LEU B 95 9.59 -11.66 6.39
C LEU B 95 9.25 -13.13 6.13
N ALA B 96 9.92 -13.76 5.17
CA ALA B 96 9.72 -15.19 4.95
C ALA B 96 10.15 -16.01 6.18
N ALA B 97 11.12 -15.52 6.95
CA ALA B 97 11.57 -16.19 8.16
C ALA B 97 10.65 -15.97 9.38
N ASP B 98 9.65 -15.11 9.24
CA ASP B 98 8.89 -14.69 10.40
C ASP B 98 7.53 -14.21 9.95
N HIS B 99 6.62 -15.15 9.74
CA HIS B 99 5.32 -14.83 9.17
C HIS B 99 4.51 -13.92 10.06
N LYS B 100 4.68 -14.06 11.38
CA LYS B 100 3.93 -13.21 12.29
C LYS B 100 4.42 -11.76 12.20
N LEU B 101 5.72 -11.57 12.02
CA LEU B 101 6.26 -10.24 11.77
C LEU B 101 5.66 -9.66 10.46
N ALA B 102 5.45 -10.52 9.47
CA ALA B 102 4.83 -10.09 8.21
C ALA B 102 3.40 -9.60 8.46
N ILE B 103 2.63 -10.40 9.21
CA ILE B 103 1.29 -9.98 9.61
C ILE B 103 1.33 -8.62 10.31
N VAL B 104 2.33 -8.39 11.14
CA VAL B 104 2.41 -7.09 11.81
C VAL B 104 2.72 -5.98 10.80
N THR B 105 3.76 -6.15 9.99
CA THR B 105 4.19 -5.08 9.08
C THR B 105 3.19 -4.84 7.95
N GLN B 106 2.55 -5.90 7.46
CA GLN B 106 1.64 -5.77 6.34
C GLN B 106 0.19 -5.43 6.73
N LEU B 107 -0.21 -5.80 7.94
CA LEU B 107 -1.63 -5.63 8.29
C LEU B 107 -1.83 -4.73 9.51
N GLU B 108 -1.07 -4.97 10.58
CA GLU B 108 -1.32 -4.29 11.85
C GLU B 108 -0.68 -2.90 11.94
N LEU B 109 0.36 -2.63 11.15
CA LEU B 109 0.98 -1.30 11.17
C LEU B 109 0.23 -0.35 10.25
N ARG B 110 -0.84 -0.85 9.65
CA ARG B 110 -1.65 -0.09 8.71
C ARG B 110 -2.77 0.63 9.46
N GLN B 111 -2.51 1.88 9.86
CA GLN B 111 -3.43 2.63 10.70
C GLN B 111 -4.34 3.58 9.94
N SER B 112 -5.56 3.71 10.44
CA SER B 112 -6.46 4.78 10.02
C SER B 112 -6.11 6.04 10.82
N ASN B 113 -5.78 5.82 12.09
CA ASN B 113 -5.42 6.89 13.02
C ASN B 113 -4.28 7.76 12.52
N THR B 114 -4.54 9.07 12.45
CA THR B 114 -3.60 10.05 11.94
C THR B 114 -2.24 10.05 12.63
N GLU B 115 -2.26 10.12 13.96
CA GLU B 115 -1.06 10.38 14.72
C GLU B 115 -0.22 9.11 14.94
N LEU B 116 -0.88 7.96 15.00
CA LEU B 116 -0.13 6.71 15.11
C LEU B 116 0.55 6.42 13.77
N ALA B 117 -0.19 6.64 12.69
CA ALA B 117 0.34 6.45 11.35
C ALA B 117 1.51 7.39 11.11
N LEU B 118 1.44 8.58 11.69
CA LEU B 118 2.49 9.57 11.51
C LEU B 118 3.80 9.07 12.10
N LYS B 119 3.74 8.49 13.29
CA LYS B 119 4.95 8.05 13.96
C LYS B 119 5.55 6.77 13.33
N ILE B 120 4.70 5.96 12.75
CA ILE B 120 5.14 4.77 12.04
C ILE B 120 5.90 5.18 10.79
N ASN B 121 5.35 6.14 10.09
CA ASN B 121 5.93 6.63 8.87
C ASN B 121 7.29 7.21 9.13
N GLU B 122 7.43 7.84 10.28
CA GLU B 122 8.69 8.40 10.70
C GLU B 122 9.71 7.31 10.83
N VAL B 123 9.29 6.16 11.31
CA VAL B 123 10.23 5.04 11.43
C VAL B 123 10.57 4.50 10.04
N LEU B 124 9.55 4.36 9.20
CA LEU B 124 9.72 3.84 7.85
C LEU B 124 10.75 4.65 7.07
N LYS B 125 10.86 5.94 7.39
CA LYS B 125 11.78 6.84 6.69
C LYS B 125 13.25 6.40 6.74
N GLY B 126 13.67 5.69 7.78
CA GLY B 126 15.00 5.11 7.77
C GLY B 126 15.25 4.20 6.55
N TYR B 127 14.21 3.48 6.15
CA TYR B 127 14.32 2.56 5.01
C TYR B 127 14.24 3.34 3.71
N LEU B 128 13.29 4.29 3.65
CA LEU B 128 13.08 5.08 2.45
C LEU B 128 14.30 5.92 2.16
N ASN B 129 14.99 6.35 3.20
CA ASN B 129 16.20 7.16 3.03
C ASN B 129 17.30 6.31 2.43
N LEU B 130 17.39 5.06 2.86
CA LEU B 130 18.32 4.11 2.29
C LEU B 130 18.06 3.88 0.80
N LEU B 131 16.79 3.76 0.41
CA LEU B 131 16.45 3.63 -1.00
C LEU B 131 16.87 4.90 -1.74
N ASP B 132 16.60 6.07 -1.14
CA ASP B 132 17.03 7.35 -1.74
C ASP B 132 18.52 7.37 -2.04
N GLU B 133 19.32 6.96 -1.04
CA GLU B 133 20.78 6.93 -1.16
C GLU B 133 21.21 6.02 -2.31
N LEU B 134 20.69 4.80 -2.30
CA LEU B 134 20.99 3.85 -3.37
C LEU B 134 20.61 4.43 -4.75
N LEU B 135 19.46 5.08 -4.84
CA LEU B 135 19.02 5.68 -6.11
C LEU B 135 19.94 6.83 -6.57
N MET B 136 20.35 7.66 -5.63
CA MET B 136 21.27 8.75 -5.97
C MET B 136 22.62 8.19 -6.38
N GLU B 137 23.09 7.19 -5.66
CA GLU B 137 24.34 6.51 -6.02
C GLU B 137 24.29 5.94 -7.43
N GLY B 138 23.18 5.30 -7.78
CA GLY B 138 23.04 4.65 -9.08
C GLY B 138 23.04 5.68 -10.19
N LYS B 139 22.38 6.82 -9.96
CA LYS B 139 22.37 7.91 -10.95
C LYS B 139 23.77 8.50 -11.12
N GLU B 140 24.43 8.78 -9.99
CA GLU B 140 25.77 9.36 -10.06
C GLU B 140 26.77 8.42 -10.72
N LYS B 141 26.63 7.12 -10.49
CA LYS B 141 27.54 6.15 -11.10
C LYS B 141 27.09 5.67 -12.50
N GLY B 142 25.94 6.14 -12.96
CA GLY B 142 25.48 5.85 -14.32
C GLY B 142 24.73 4.55 -14.56
N TYR B 143 24.37 3.86 -13.50
CA TYR B 143 23.51 2.68 -13.57
C TYR B 143 22.09 3.06 -13.98
N PHE B 144 21.64 4.19 -13.47
CA PHE B 144 20.27 4.63 -13.71
C PHE B 144 20.31 5.91 -14.52
N PHE B 145 19.27 6.22 -15.28
CA PHE B 145 19.40 7.38 -16.14
C PHE B 145 19.39 8.67 -15.33
N GLN B 146 20.08 9.69 -15.84
CA GLN B 146 20.42 10.86 -15.04
C GLN B 146 19.20 11.70 -14.68
N GLU B 147 18.13 11.54 -15.44
CA GLU B 147 16.91 12.27 -15.14
C GLU B 147 15.92 11.48 -14.28
N LEU B 148 16.35 10.33 -13.77
CA LEU B 148 15.48 9.51 -12.92
C LEU B 148 14.94 10.34 -11.73
N ASP B 149 13.62 10.39 -11.57
CA ASP B 149 13.01 11.03 -10.41
C ASP B 149 13.19 10.16 -9.15
N THR B 150 14.11 10.58 -8.27
CA THR B 150 14.45 9.80 -7.08
C THR B 150 13.25 9.40 -6.21
N ARG B 151 12.38 10.37 -5.96
CA ARG B 151 11.23 10.15 -5.07
C ARG B 151 10.23 9.18 -5.70
N LEU B 152 9.94 9.38 -6.97
CA LEU B 152 9.05 8.47 -7.69
C LEU B 152 9.64 7.06 -7.75
N ALA B 153 10.94 6.96 -7.96
CA ALA B 153 11.57 5.65 -8.04
C ALA B 153 11.51 4.96 -6.67
N ARG B 154 11.70 5.73 -5.62
CA ARG B 154 11.63 5.21 -4.26
C ARG B 154 10.24 4.64 -4.01
N GLN B 155 9.22 5.38 -4.44
CA GLN B 155 7.84 4.96 -4.24
C GLN B 155 7.50 3.74 -5.09
N MET B 156 8.06 3.67 -6.31
CA MET B 156 7.92 2.43 -7.09
C MET B 156 8.54 1.20 -6.43
N ILE B 157 9.78 1.32 -5.98
CA ILE B 157 10.45 0.18 -5.39
C ILE B 157 9.71 -0.23 -4.12
N PHE B 158 9.48 0.72 -3.23
CA PHE B 158 8.82 0.38 -1.97
C PHE B 158 7.38 -0.08 -2.18
N GLY B 159 6.63 0.63 -3.02
CA GLY B 159 5.25 0.29 -3.31
C GLY B 159 5.14 -1.12 -3.91
N THR B 160 6.08 -1.48 -4.78
CA THR B 160 6.08 -2.79 -5.41
C THR B 160 6.42 -3.88 -4.40
N LEU B 161 7.49 -3.68 -3.64
CA LEU B 161 7.90 -4.70 -2.66
C LEU B 161 6.79 -4.96 -1.63
N ASP B 162 6.20 -3.87 -1.15
CA ASP B 162 5.12 -3.93 -0.16
C ASP B 162 3.87 -4.65 -0.72
N GLU B 163 3.55 -4.40 -1.98
CA GLU B 163 2.40 -5.05 -2.60
C GLU B 163 2.62 -6.55 -2.80
N VAL B 164 3.82 -6.93 -3.21
CA VAL B 164 4.18 -8.33 -3.36
C VAL B 164 4.09 -9.04 -2.00
N VAL B 165 4.65 -8.44 -0.95
CA VAL B 165 4.56 -9.04 0.37
C VAL B 165 3.11 -9.14 0.88
N THR B 166 2.33 -8.09 0.67
CA THR B 166 0.94 -8.09 1.11
C THR B 166 0.12 -9.19 0.44
N ASN B 167 0.31 -9.39 -0.87
CA ASN B 167 -0.43 -10.42 -1.58
C ASN B 167 -0.07 -11.82 -1.08
N TRP B 168 1.21 -12.00 -0.75
CA TRP B 168 1.67 -13.26 -0.13
C TRP B 168 1.08 -13.50 1.27
N VAL B 169 1.07 -12.47 2.10
CA VAL B 169 0.44 -12.54 3.41
C VAL B 169 -1.04 -12.85 3.31
N MET B 170 -1.73 -12.20 2.37
CA MET B 170 -3.14 -12.44 2.12
C MET B 170 -3.45 -13.85 1.60
N LYS B 171 -2.48 -14.49 0.93
CA LYS B 171 -2.64 -15.88 0.51
C LYS B 171 -1.99 -16.85 1.51
N ASP B 172 -2.09 -16.51 2.79
CA ASP B 172 -1.61 -17.35 3.88
C ASP B 172 -0.16 -17.79 3.74
N CYS B 173 0.64 -16.96 3.09
CA CYS B 173 2.07 -17.20 3.00
C CYS B 173 2.38 -18.55 2.37
N LYS B 174 1.49 -19.02 1.49
CA LYS B 174 1.54 -20.42 1.03
C LYS B 174 2.59 -20.68 -0.07
N TYR B 175 3.07 -19.64 -0.76
CA TYR B 175 4.19 -19.86 -1.67
C TYR B 175 5.47 -19.30 -1.08
N ASP B 176 6.59 -19.57 -1.74
CA ASP B 176 7.89 -19.12 -1.27
C ASP B 176 8.17 -17.67 -1.71
N LEU B 177 8.06 -16.74 -0.77
CA LEU B 177 8.31 -15.32 -1.05
C LEU B 177 9.75 -15.07 -1.57
N THR B 178 10.73 -15.80 -1.06
CA THR B 178 12.11 -15.61 -1.50
C THR B 178 12.36 -16.01 -2.95
N ALA B 179 11.50 -16.85 -3.53
CA ALA B 179 11.70 -17.22 -4.92
C ALA B 179 11.43 -16.01 -5.83
N LEU B 180 10.79 -14.98 -5.29
CA LEU B 180 10.41 -13.82 -6.11
C LEU B 180 11.48 -12.71 -6.13
N VAL B 181 12.59 -12.90 -5.44
CA VAL B 181 13.62 -11.86 -5.39
C VAL B 181 14.12 -11.51 -6.80
N LYS B 182 14.52 -12.53 -7.56
CA LYS B 182 15.15 -12.29 -8.85
C LYS B 182 14.19 -11.67 -9.85
N PRO B 183 12.98 -12.23 -10.01
CA PRO B 183 12.11 -11.54 -10.97
C PRO B 183 11.64 -10.15 -10.51
N VAL B 184 11.55 -9.90 -9.20
CA VAL B 184 11.14 -8.56 -8.75
C VAL B 184 12.27 -7.57 -9.06
N HIS B 185 13.48 -7.99 -8.78
CA HIS B 185 14.69 -7.21 -9.06
C HIS B 185 14.80 -6.84 -10.53
N GLN B 186 14.68 -7.85 -11.40
CA GLN B 186 14.71 -7.64 -12.85
C GLN B 186 13.60 -6.70 -13.32
N LEU B 187 12.40 -6.86 -12.78
CA LEU B 187 11.29 -6.00 -13.19
C LEU B 187 11.52 -4.51 -12.82
N LEU B 188 11.97 -4.26 -11.60
CA LEU B 188 12.24 -2.88 -11.18
C LEU B 188 13.35 -2.22 -12.04
N LEU B 189 14.39 -2.98 -12.39
CA LEU B 189 15.51 -2.45 -13.20
C LEU B 189 15.10 -2.17 -14.66
N GLY B 190 14.31 -3.06 -15.25
CA GLY B 190 14.06 -3.00 -16.67
C GLY B 190 12.67 -2.56 -17.06
N GLY B 191 11.75 -2.54 -16.10
CA GLY B 191 10.39 -2.07 -16.38
C GLY B 191 9.64 -3.04 -17.28
N LEU B 192 8.47 -2.63 -17.76
CA LEU B 192 7.61 -3.50 -18.57
C LEU B 192 8.03 -3.73 -20.03
N ARG B 193 8.73 -2.79 -20.64
CA ARG B 193 8.86 -2.73 -22.11
C ARG B 193 9.85 -3.72 -22.73
MG MG C . 1.18 0.28 -1.27
C1 GOL D . 25.78 2.63 0.23
O1 GOL D . 25.96 1.27 0.55
C2 GOL D . 24.43 3.11 0.76
O2 GOL D . 24.58 4.40 1.31
C3 GOL D . 23.43 3.15 -0.39
O3 GOL D . 23.90 4.01 -1.40
#